data_7P2I
#
_entry.id   7P2I
#
_cell.length_a   200.713
_cell.length_b   200.713
_cell.length_c   200.713
_cell.angle_alpha   90.000
_cell.angle_beta   90.000
_cell.angle_gamma   90.000
#
_symmetry.space_group_name_H-M   'F 4 3 2'
#
loop_
_entity.id
_entity.type
_entity.pdbx_description
1 polymer 'Fucose-binding lectin protein'
2 non-polymer 'methyl alpha-L-fucopyranoside'
3 non-polymer cucurbit[7]uril
4 water water
#
_entity_poly.entity_id   1
_entity_poly.type   'polypeptide(L)'
_entity_poly.pdbx_seq_one_letter_code
;MFGSTLFGSTLFGSVQTAATSWGTVPSIRVYTANNG(MLY)ITERCWDG(MLY)GWYTGAFNEPGDNVSVTSWLVGSAIH
IRVYASTGTTTTEWCWDGNGWT(MLY)GAYTATN
;
_entity_poly.pdbx_strand_id   A,B,C
#
loop_
_chem_comp.id
_chem_comp.type
_chem_comp.name
_chem_comp.formula
MFU L-saccharide 'methyl alpha-L-fucopyranoside' 'C7 H14 O5'
QQ7 non-polymer cucurbit[7]uril 'C42 H42 N28 O14'
#
# COMPACT_ATOMS: atom_id res chain seq x y z
N PHE A 12 -0.85 17.38 -8.73
CA PHE A 12 -1.13 17.48 -10.16
C PHE A 12 0.15 17.28 -10.93
N GLY A 13 0.10 16.41 -11.91
CA GLY A 13 1.26 16.15 -12.74
C GLY A 13 2.16 15.04 -12.23
N SER A 14 1.99 14.60 -10.97
CA SER A 14 2.82 13.50 -10.48
C SER A 14 2.10 12.19 -10.55
N VAL A 15 2.79 11.16 -11.00
CA VAL A 15 2.23 9.82 -11.07
C VAL A 15 2.01 9.27 -9.66
N GLN A 16 1.19 8.24 -9.57
CA GLN A 16 0.86 7.63 -8.28
C GLN A 16 1.12 6.14 -8.38
N THR A 17 1.83 5.56 -7.41
CA THR A 17 2.17 4.14 -7.48
C THR A 17 1.62 3.32 -6.31
N ALA A 18 1.61 2.00 -6.51
CA ALA A 18 1.28 1.01 -5.52
C ALA A 18 2.22 -0.19 -5.75
N ALA A 19 2.64 -0.85 -4.68
CA ALA A 19 3.61 -1.94 -4.80
C ALA A 19 3.25 -3.12 -3.94
N THR A 20 3.61 -4.31 -4.43
CA THR A 20 3.44 -5.55 -3.66
C THR A 20 4.64 -6.45 -3.92
N SER A 21 4.90 -7.40 -3.01
CA SER A 21 6.03 -8.30 -3.17
C SER A 21 5.72 -9.64 -2.54
N TRP A 22 6.48 -10.69 -2.94
CA TRP A 22 6.27 -12.00 -2.34
C TRP A 22 7.53 -12.83 -2.38
N GLY A 23 7.57 -13.81 -1.49
CA GLY A 23 8.69 -14.75 -1.42
C GLY A 23 10.01 -14.13 -0.99
N THR A 24 11.12 -14.82 -1.25
CA THR A 24 12.44 -14.37 -0.83
C THR A 24 13.37 -14.01 -1.99
N VAL A 25 12.97 -14.22 -3.26
CA VAL A 25 13.82 -13.86 -4.40
C VAL A 25 14.17 -12.35 -4.38
N PRO A 26 13.23 -11.42 -4.20
CA PRO A 26 11.77 -11.59 -4.18
C PRO A 26 11.20 -11.34 -5.56
N SER A 27 9.86 -11.44 -5.67
CA SER A 27 9.19 -10.88 -6.82
C SER A 27 8.53 -9.59 -6.32
N ILE A 28 8.57 -8.54 -7.15
CA ILE A 28 7.94 -7.26 -6.84
C ILE A 28 7.09 -6.86 -8.05
N ARG A 29 5.92 -6.24 -7.79
CA ARG A 29 5.13 -5.64 -8.85
C ARG A 29 4.82 -4.22 -8.45
N VAL A 30 5.09 -3.25 -9.34
CA VAL A 30 4.85 -1.83 -9.08
C VAL A 30 3.85 -1.34 -10.13
N TYR A 31 2.73 -0.81 -9.68
CA TYR A 31 1.66 -0.30 -10.54
C TYR A 31 1.74 1.21 -10.55
N THR A 32 1.67 1.84 -11.73
CA THR A 32 1.72 3.28 -11.84
C THR A 32 0.51 3.81 -12.55
N ALA A 33 -0.20 4.76 -11.90
CA ALA A 33 -1.32 5.46 -12.52
C ALA A 33 -0.75 6.77 -13.09
N ASN A 34 -0.82 6.93 -14.40
CA ASN A 34 -0.26 8.10 -15.07
C ASN A 34 -1.23 8.54 -16.11
N ASN A 35 -1.75 9.76 -15.94
CA ASN A 35 -2.69 10.34 -16.88
C ASN A 35 -3.86 9.40 -17.26
N GLY A 36 -4.45 8.76 -16.27
CA GLY A 36 -5.63 7.92 -16.51
C GLY A 36 -5.42 6.49 -16.92
N MLY A 37 -4.17 6.04 -17.00
CA MLY A 37 -3.86 4.67 -17.38
CB MLY A 37 -2.94 4.66 -18.65
CG MLY A 37 -3.59 4.89 -20.04
CD MLY A 37 -2.50 4.69 -21.12
CE MLY A 37 -2.96 4.14 -22.49
NZ MLY A 37 -2.37 4.82 -23.67
CH1 MLY A 37 -0.89 4.71 -23.71
CH2 MLY A 37 -2.82 4.12 -24.89
C MLY A 37 -2.98 4.08 -16.29
O MLY A 37 -2.07 4.74 -15.80
N ILE A 38 -3.23 2.81 -15.94
CA ILE A 38 -2.40 2.10 -14.95
C ILE A 38 -1.61 1.02 -15.67
N THR A 39 -0.28 1.02 -15.50
CA THR A 39 0.60 0.01 -16.08
C THR A 39 1.43 -0.63 -14.95
N GLU A 40 2.20 -1.68 -15.28
CA GLU A 40 2.87 -2.50 -14.29
C GLU A 40 4.31 -2.80 -14.68
N ARG A 41 5.22 -2.69 -13.70
CA ARG A 41 6.63 -3.07 -13.86
C ARG A 41 6.88 -4.22 -12.89
N CYS A 42 7.70 -5.18 -13.32
CA CYS A 42 7.93 -6.44 -12.62
C CYS A 42 9.37 -6.73 -12.37
N TRP A 43 9.65 -7.33 -11.22
CA TRP A 43 11.00 -7.84 -10.87
C TRP A 43 10.82 -9.26 -10.37
N ASP A 44 11.56 -10.22 -10.91
CA ASP A 44 11.58 -11.60 -10.41
C ASP A 44 13.04 -12.05 -10.19
N GLY A 45 13.92 -11.09 -9.86
CA GLY A 45 15.33 -11.36 -9.57
C GLY A 45 16.31 -11.13 -10.69
N MLY A 46 15.80 -10.83 -11.90
CA MLY A 46 16.66 -10.83 -13.09
CB MLY A 46 16.17 -12.01 -14.02
CG MLY A 46 15.98 -13.31 -13.24
CD MLY A 46 15.99 -14.55 -14.01
CE MLY A 46 14.72 -14.75 -14.79
NZ MLY A 46 14.94 -16.04 -15.48
CH1 MLY A 46 14.41 -17.12 -14.62
CH2 MLY A 46 14.12 -15.94 -16.68
C MLY A 46 16.55 -9.61 -13.97
O MLY A 46 17.05 -9.63 -15.10
N GLY A 47 16.01 -8.53 -13.44
CA GLY A 47 15.87 -7.28 -14.18
C GLY A 47 14.40 -6.87 -14.26
N TRP A 48 14.16 -5.57 -14.39
CA TRP A 48 12.79 -5.05 -14.48
C TRP A 48 12.22 -5.23 -15.88
N TYR A 49 10.95 -5.58 -15.96
CA TYR A 49 10.27 -5.75 -17.24
C TYR A 49 8.83 -5.27 -17.15
N THR A 50 8.22 -4.98 -18.29
CA THR A 50 6.84 -4.51 -18.33
C THR A 50 5.89 -5.67 -18.23
N GLY A 51 4.95 -5.57 -17.29
CA GLY A 51 3.99 -6.64 -17.08
C GLY A 51 2.77 -6.55 -17.99
N ALA A 52 1.93 -7.56 -17.88
CA ALA A 52 0.73 -7.66 -18.71
C ALA A 52 -0.40 -6.76 -18.23
N PHE A 53 -0.36 -6.25 -16.99
CA PHE A 53 -1.44 -5.42 -16.47
C PHE A 53 -1.56 -4.11 -17.22
N ASN A 54 -2.76 -3.82 -17.74
CA ASN A 54 -3.00 -2.57 -18.42
C ASN A 54 -4.48 -2.28 -18.28
N GLU A 55 -4.84 -1.35 -17.37
CA GLU A 55 -6.26 -1.00 -17.18
C GLU A 55 -6.41 0.49 -16.90
N PRO A 56 -7.57 1.08 -17.21
CA PRO A 56 -7.75 2.52 -16.94
C PRO A 56 -7.96 2.83 -15.46
N GLY A 57 -7.52 4.01 -15.07
CA GLY A 57 -7.74 4.45 -13.70
C GLY A 57 -6.88 5.63 -13.35
N ASP A 58 -7.38 6.46 -12.44
CA ASP A 58 -6.65 7.61 -11.93
C ASP A 58 -5.89 7.27 -10.64
N ASN A 59 -6.32 6.20 -9.93
CA ASN A 59 -5.74 5.81 -8.67
C ASN A 59 -5.63 4.30 -8.65
N VAL A 60 -4.58 3.81 -7.98
CA VAL A 60 -4.35 2.38 -7.86
C VAL A 60 -3.90 1.98 -6.45
N SER A 61 -4.42 0.84 -5.98
CA SER A 61 -3.90 0.16 -4.80
C SER A 61 -3.78 -1.34 -5.12
N VAL A 62 -3.02 -2.08 -4.31
CA VAL A 62 -2.82 -3.50 -4.57
C VAL A 62 -2.60 -4.24 -3.27
N THR A 63 -2.98 -5.52 -3.31
CA THR A 63 -2.64 -6.48 -2.27
C THR A 63 -2.40 -7.84 -2.93
N SER A 64 -1.63 -8.71 -2.26
CA SER A 64 -1.39 -10.03 -2.81
C SER A 64 -1.16 -11.04 -1.73
N TRP A 65 -1.36 -12.31 -2.06
CA TRP A 65 -1.09 -13.37 -1.09
C TRP A 65 -0.58 -14.58 -1.85
N LEU A 66 0.31 -15.32 -1.17
CA LEU A 66 0.88 -16.53 -1.75
C LEU A 66 0.12 -17.75 -1.24
N VAL A 67 0.04 -18.75 -2.09
CA VAL A 67 -0.51 -20.04 -1.67
C VAL A 67 0.62 -20.97 -2.05
N GLY A 68 1.57 -21.17 -1.13
CA GLY A 68 2.79 -21.92 -1.38
C GLY A 68 3.67 -21.10 -2.31
N SER A 69 3.76 -21.52 -3.58
CA SER A 69 4.54 -20.77 -4.56
C SER A 69 3.63 -19.99 -5.54
N ALA A 70 2.29 -20.14 -5.47
CA ALA A 70 1.37 -19.49 -6.39
C ALA A 70 0.92 -18.12 -5.90
N ILE A 71 1.21 -17.06 -6.68
CA ILE A 71 0.78 -15.73 -6.29
C ILE A 71 -0.63 -15.40 -6.76
N HIS A 72 -1.35 -14.66 -5.91
CA HIS A 72 -2.67 -14.13 -6.24
C HIS A 72 -2.60 -12.65 -5.96
N ILE A 73 -2.97 -11.84 -6.95
CA ILE A 73 -2.89 -10.39 -6.81
C ILE A 73 -4.27 -9.77 -7.04
N ARG A 74 -4.60 -8.72 -6.27
CA ARG A 74 -5.80 -7.95 -6.52
C ARG A 74 -5.41 -6.49 -6.63
N VAL A 75 -5.71 -5.87 -7.79
CA VAL A 75 -5.43 -4.47 -8.07
C VAL A 75 -6.74 -3.71 -8.08
N TYR A 76 -6.83 -2.60 -7.33
CA TYR A 76 -8.04 -1.79 -7.24
C TYR A 76 -7.79 -0.51 -8.01
N ALA A 77 -8.46 -0.37 -9.17
CA ALA A 77 -8.30 0.78 -10.06
C ALA A 77 -9.52 1.69 -9.95
N SER A 78 -9.32 2.98 -9.65
CA SER A 78 -10.47 3.88 -9.46
C SER A 78 -10.49 5.04 -10.42
N THR A 79 -11.70 5.38 -10.89
CA THR A 79 -11.94 6.57 -11.70
C THR A 79 -13.23 7.14 -11.13
N GLY A 80 -13.23 8.42 -10.75
CA GLY A 80 -14.38 9.02 -10.08
C GLY A 80 -14.67 8.25 -8.79
N THR A 81 -15.91 7.81 -8.58
CA THR A 81 -16.22 6.99 -7.40
C THR A 81 -16.28 5.50 -7.71
N THR A 82 -15.92 5.06 -8.94
CA THR A 82 -15.98 3.65 -9.26
C THR A 82 -14.63 2.97 -9.17
N THR A 83 -14.53 1.95 -8.30
CA THR A 83 -13.34 1.16 -8.15
C THR A 83 -13.60 -0.20 -8.78
N THR A 84 -12.74 -0.61 -9.71
CA THR A 84 -12.81 -1.92 -10.36
C THR A 84 -11.66 -2.77 -9.85
N GLU A 85 -11.96 -4.00 -9.45
CA GLU A 85 -10.95 -4.94 -8.98
C GLU A 85 -10.51 -5.81 -10.14
N TRP A 86 -9.21 -5.98 -10.29
CA TRP A 86 -8.58 -6.84 -11.30
C TRP A 86 -7.85 -7.94 -10.57
N CYS A 87 -8.03 -9.19 -11.02
CA CYS A 87 -7.51 -10.38 -10.36
C CYS A 87 -6.45 -11.06 -11.17
N TRP A 88 -5.35 -11.45 -10.53
CA TRP A 88 -4.37 -12.32 -11.16
C TRP A 88 -4.35 -13.57 -10.29
N ASP A 89 -4.65 -14.70 -10.87
CA ASP A 89 -4.61 -15.99 -10.17
C ASP A 89 -3.81 -17.02 -10.97
N GLY A 90 -2.86 -16.55 -11.79
CA GLY A 90 -1.97 -17.36 -12.61
C GLY A 90 -2.33 -17.42 -14.09
N ASN A 91 -3.54 -16.94 -14.44
CA ASN A 91 -4.14 -17.17 -15.77
C ASN A 91 -4.68 -15.93 -16.47
N GLY A 92 -3.98 -14.83 -16.32
CA GLY A 92 -4.39 -13.58 -16.94
C GLY A 92 -5.20 -12.74 -15.99
N TRP A 93 -5.29 -11.45 -16.29
CA TRP A 93 -6.04 -10.53 -15.45
C TRP A 93 -7.52 -10.62 -15.75
N THR A 94 -8.33 -10.83 -14.71
CA THR A 94 -9.78 -10.96 -14.85
C THR A 94 -10.53 -9.97 -13.96
N MLY A 95 -11.72 -9.54 -14.35
CA MLY A 95 -12.43 -8.57 -13.52
CB MLY A 95 -13.55 -7.91 -14.37
CG MLY A 95 -14.17 -6.74 -13.60
CD MLY A 95 -15.26 -6.06 -14.43
CE MLY A 95 -14.70 -5.14 -15.52
NZ MLY A 95 -15.74 -4.73 -16.53
CH1 MLY A 95 -14.98 -3.93 -17.54
CH2 MLY A 95 -16.74 -3.84 -15.92
C MLY A 95 -13.03 -9.28 -12.30
O MLY A 95 -13.70 -10.31 -12.43
N GLY A 96 -12.79 -8.71 -11.13
CA GLY A 96 -13.28 -9.27 -9.89
C GLY A 96 -14.66 -8.83 -9.46
N ALA A 97 -15.18 -9.47 -8.41
CA ALA A 97 -16.53 -9.21 -7.92
C ALA A 97 -16.69 -7.97 -7.05
N TYR A 98 -15.57 -7.33 -6.66
CA TYR A 98 -15.65 -6.13 -5.81
C TYR A 98 -16.63 -5.07 -6.33
N THR A 99 -17.47 -4.56 -5.42
CA THR A 99 -18.34 -3.41 -5.65
C THR A 99 -18.28 -2.53 -4.39
N ALA A 100 -18.62 -1.25 -4.51
CA ALA A 100 -18.61 -0.34 -3.36
C ALA A 100 -19.88 -0.44 -2.49
N THR A 101 -20.99 -0.89 -3.08
CA THR A 101 -22.28 -1.05 -2.41
C THR A 101 -22.97 -2.35 -2.90
N ASN A 102 -23.98 -2.83 -2.16
CA ASN A 102 -24.70 -4.03 -2.55
C ASN A 102 -25.88 -3.69 -3.46
N GLY B 13 -4.08 18.85 -1.12
CA GLY B 13 -3.56 19.62 0.00
C GLY B 13 -3.15 18.79 1.20
N SER B 14 -3.57 17.51 1.25
CA SER B 14 -3.23 16.64 2.37
CA SER B 14 -3.22 16.64 2.37
C SER B 14 -1.97 15.84 2.10
N VAL B 15 -1.24 15.48 3.18
CA VAL B 15 -0.05 14.65 3.03
C VAL B 15 -0.49 13.25 2.53
N GLN B 16 0.46 12.52 1.95
CA GLN B 16 0.22 11.18 1.39
CA GLN B 16 0.16 11.19 1.44
C GLN B 16 1.08 10.20 2.13
N THR B 17 0.52 9.08 2.60
CA THR B 17 1.33 8.11 3.33
C THR B 17 1.38 6.73 2.68
N ALA B 18 2.36 5.93 3.10
CA ALA B 18 2.48 4.52 2.74
C ALA B 18 2.99 3.81 3.97
N ALA B 19 2.52 2.56 4.21
CA ALA B 19 2.91 1.83 5.42
C ALA B 19 3.26 0.40 5.13
N THR B 20 4.20 -0.13 5.92
CA THR B 20 4.57 -1.55 5.84
C THR B 20 4.87 -2.05 7.24
N SER B 21 4.77 -3.36 7.43
CA SER B 21 5.05 -3.95 8.74
C SER B 21 5.61 -5.34 8.59
N TRP B 22 6.28 -5.84 9.64
CA TRP B 22 6.82 -7.19 9.60
C TRP B 22 6.91 -7.81 10.97
N GLY B 23 6.90 -9.14 10.98
CA GLY B 23 6.99 -9.91 12.20
C GLY B 23 5.73 -9.83 13.06
N THR B 24 5.85 -10.21 14.34
CA THR B 24 4.73 -10.24 15.27
C THR B 24 4.81 -9.19 16.38
N VAL B 25 5.94 -8.44 16.49
CA VAL B 25 6.07 -7.39 17.52
C VAL B 25 4.94 -6.34 17.37
N PRO B 26 4.66 -5.83 16.16
CA PRO B 26 5.45 -5.91 14.93
C PRO B 26 6.40 -4.70 14.85
N SER B 27 7.19 -4.63 13.77
CA SER B 27 7.86 -3.39 13.38
C SER B 27 6.96 -2.77 12.30
N ILE B 28 6.80 -1.46 12.34
CA ILE B 28 6.01 -0.70 11.35
C ILE B 28 6.85 0.47 10.83
N ARG B 29 6.75 0.76 9.53
CA ARG B 29 7.38 1.95 8.96
C ARG B 29 6.30 2.71 8.20
N VAL B 30 6.16 4.02 8.48
CA VAL B 30 5.17 4.86 7.81
C VAL B 30 5.94 5.99 7.10
N TYR B 31 5.75 6.09 5.80
CA TYR B 31 6.40 7.11 4.97
C TYR B 31 5.40 8.20 4.66
N THR B 32 5.80 9.46 4.78
CA THR B 32 4.88 10.57 4.50
C THR B 32 5.52 11.49 3.46
N ALA B 33 4.80 11.72 2.37
CA ALA B 33 5.20 12.67 1.35
C ALA B 33 4.45 13.98 1.65
N ASN B 34 5.21 15.07 1.83
CA ASN B 34 4.64 16.37 2.19
C ASN B 34 5.50 17.45 1.54
N ASN B 35 4.93 18.30 0.69
CA ASN B 35 5.67 19.40 0.08
C ASN B 35 6.96 18.97 -0.63
N GLY B 36 6.87 17.86 -1.37
CA GLY B 36 7.97 17.39 -2.20
C GLY B 36 9.05 16.59 -1.51
N MLY B 37 8.87 16.29 -0.23
CA MLY B 37 9.86 15.54 0.55
CB MLY B 37 10.50 16.46 1.70
CG MLY B 37 11.27 17.62 1.04
CD MLY B 37 11.63 18.73 2.08
CE MLY B 37 10.39 19.63 2.26
NZ MLY B 37 10.67 20.82 3.15
CH1 MLY B 37 10.88 20.40 4.56
CH2 MLY B 37 9.56 21.85 3.09
C MLY B 37 9.19 14.38 1.30
O MLY B 37 8.05 14.50 1.76
N ILE B 38 9.88 13.22 1.37
CA ILE B 38 9.37 12.05 2.07
C ILE B 38 10.22 11.80 3.32
N THR B 39 9.55 11.59 4.46
CA THR B 39 10.20 11.28 5.72
C THR B 39 9.56 10.00 6.27
N GLU B 40 10.15 9.44 7.32
CA GLU B 40 9.79 8.13 7.83
C GLU B 40 9.63 8.13 9.34
N ARG B 41 8.55 7.49 9.83
CA ARG B 41 8.32 7.26 11.24
C ARG B 41 8.33 5.74 11.46
N CYS B 42 8.92 5.32 12.60
CA CYS B 42 9.19 3.91 12.88
C CYS B 42 8.65 3.47 14.21
N TRP B 43 8.20 2.22 14.27
CA TRP B 43 7.78 1.58 15.51
C TRP B 43 8.45 0.21 15.56
N ASP B 44 9.13 -0.13 16.65
CA ASP B 44 9.71 -1.46 16.84
C ASP B 44 9.27 -2.07 18.20
N GLY B 45 8.13 -1.61 18.72
CA GLY B 45 7.55 -2.10 19.96
C GLY B 45 7.73 -1.20 21.16
N MLY B 46 8.51 -0.11 21.05
CA MLY B 46 8.80 0.74 22.21
CB MLY B 46 10.26 0.39 22.66
CG MLY B 46 10.44 -1.02 23.23
CD MLY B 46 11.84 -1.19 23.80
CE MLY B 46 12.93 -1.14 22.70
NZ MLY B 46 13.81 0.07 22.76
CH1 MLY B 46 14.82 -0.08 21.70
CH2 MLY B 46 14.63 0.07 24.02
C MLY B 46 8.74 2.26 21.94
O MLY B 46 9.57 3.02 22.47
N GLY B 47 7.75 2.69 21.18
CA GLY B 47 7.58 4.12 20.89
C GLY B 47 7.91 4.47 19.46
N TRP B 48 7.23 5.51 18.93
CA TRP B 48 7.50 5.97 17.57
C TRP B 48 8.73 6.86 17.55
N TYR B 49 9.54 6.73 16.50
CA TYR B 49 10.74 7.54 16.34
C TYR B 49 10.97 7.87 14.87
N THR B 50 11.77 8.91 14.60
CA THR B 50 12.05 9.33 13.23
C THR B 50 13.15 8.47 12.63
N GLY B 51 12.87 7.92 11.46
CA GLY B 51 13.81 7.05 10.79
C GLY B 51 14.84 7.77 9.95
N ALA B 52 15.78 6.99 9.40
CA ALA B 52 16.86 7.53 8.56
C ALA B 52 16.39 7.90 7.15
N PHE B 53 15.23 7.41 6.71
CA PHE B 53 14.82 7.65 5.33
C PHE B 53 14.46 9.11 5.09
N ASN B 54 15.13 9.74 4.12
CA ASN B 54 14.81 11.12 3.74
C ASN B 54 15.10 11.21 2.25
N GLU B 55 14.07 11.31 1.40
CA GLU B 55 14.28 11.41 -0.05
C GLU B 55 13.23 12.31 -0.67
N PRO B 56 13.53 12.93 -1.82
CA PRO B 56 12.49 13.73 -2.49
C PRO B 56 11.34 12.91 -3.03
N GLY B 57 10.17 13.51 -3.07
CA GLY B 57 9.01 12.86 -3.66
C GLY B 57 7.69 13.48 -3.28
N ASP B 58 6.77 13.52 -4.25
CA ASP B 58 5.40 14.00 -4.03
C ASP B 58 4.46 12.84 -3.72
N ASN B 59 4.82 11.61 -4.12
CA ASN B 59 4.01 10.41 -3.92
C ASN B 59 4.92 9.31 -3.45
N VAL B 60 4.36 8.41 -2.62
CA VAL B 60 5.13 7.29 -2.08
C VAL B 60 4.30 6.02 -1.97
N SER B 61 4.94 4.90 -2.30
CA SER B 61 4.45 3.56 -2.03
C SER B 61 5.57 2.73 -1.43
N VAL B 62 5.22 1.60 -0.78
CA VAL B 62 6.24 0.78 -0.14
C VAL B 62 5.81 -0.69 -0.14
N THR B 63 6.80 -1.56 -0.14
CA THR B 63 6.61 -2.98 0.08
C THR B 63 7.84 -3.52 0.84
N SER B 64 7.68 -4.64 1.54
CA SER B 64 8.80 -5.23 2.26
C SER B 64 8.65 -6.73 2.36
N TRP B 65 9.79 -7.42 2.56
CA TRP B 65 9.76 -8.87 2.76
C TRP B 65 10.86 -9.27 3.72
N LEU B 66 10.69 -10.42 4.36
CA LEU B 66 11.71 -10.95 5.25
C LEU B 66 12.47 -12.08 4.57
N VAL B 67 13.76 -12.17 4.88
CA VAL B 67 14.57 -13.35 4.54
C VAL B 67 15.05 -13.81 5.91
N GLY B 68 14.39 -14.82 6.47
CA GLY B 68 14.66 -15.22 7.85
C GLY B 68 14.15 -14.12 8.76
N SER B 69 15.05 -13.55 9.58
CA SER B 69 14.68 -12.44 10.46
C SER B 69 15.11 -11.07 9.86
N ALA B 70 15.76 -11.06 8.67
CA ALA B 70 16.25 -9.83 8.06
C ALA B 70 15.19 -9.15 7.19
N ILE B 71 14.91 -7.88 7.46
CA ILE B 71 13.93 -7.13 6.67
C ILE B 71 14.57 -6.49 5.43
N HIS B 72 13.81 -6.47 4.34
CA HIS B 72 14.20 -5.81 3.10
C HIS B 72 13.02 -4.90 2.73
N ILE B 73 13.28 -3.62 2.52
CA ILE B 73 12.22 -2.65 2.21
C ILE B 73 12.50 -1.97 0.87
N ARG B 74 11.44 -1.75 0.07
CA ARG B 74 11.57 -0.97 -1.16
C ARG B 74 10.53 0.14 -1.11
N VAL B 75 11.01 1.40 -1.22
CA VAL B 75 10.16 2.59 -1.22
C VAL B 75 10.20 3.18 -2.64
N TYR B 76 9.02 3.45 -3.22
CA TYR B 76 8.93 4.01 -4.57
C TYR B 76 8.48 5.46 -4.44
N ALA B 77 9.40 6.38 -4.74
CA ALA B 77 9.17 7.81 -4.58
C ALA B 77 8.99 8.46 -5.94
N SER B 78 7.90 9.19 -6.16
CA SER B 78 7.65 9.78 -7.47
C SER B 78 7.54 11.28 -7.43
N THR B 79 8.12 11.94 -8.44
CA THR B 79 7.99 13.39 -8.66
C THR B 79 7.74 13.53 -10.15
N GLY B 80 6.64 14.18 -10.56
CA GLY B 80 6.27 14.24 -11.97
C GLY B 80 6.06 12.84 -12.51
N THR B 81 6.71 12.51 -13.63
CA THR B 81 6.61 11.14 -14.15
C THR B 81 7.80 10.26 -13.78
N THR B 82 8.69 10.72 -12.87
CA THR B 82 9.87 9.93 -12.51
C THR B 82 9.72 9.25 -11.17
N THR B 83 9.79 7.93 -11.16
CA THR B 83 9.73 7.14 -9.93
C THR B 83 11.12 6.58 -9.63
N THR B 84 11.64 6.83 -8.43
CA THR B 84 12.92 6.32 -7.98
C THR B 84 12.67 5.29 -6.87
N GLU B 85 13.35 4.15 -6.92
CA GLU B 85 13.24 3.11 -5.90
C GLU B 85 14.40 3.26 -4.91
N TRP B 86 14.08 3.14 -3.62
CA TRP B 86 15.06 3.20 -2.53
C TRP B 86 15.01 1.86 -1.80
N CYS B 87 16.19 1.31 -1.50
CA CYS B 87 16.33 -0.05 -0.96
C CYS B 87 16.92 -0.05 0.42
N TRP B 88 16.30 -0.79 1.34
CA TRP B 88 16.90 -1.06 2.65
C TRP B 88 17.13 -2.56 2.70
N ASP B 89 18.37 -3.00 2.90
CA ASP B 89 18.71 -4.41 2.97
C ASP B 89 19.53 -4.72 4.24
N GLY B 90 19.34 -3.91 5.29
CA GLY B 90 19.98 -4.08 6.59
C GLY B 90 21.20 -3.21 6.83
N ASN B 91 21.62 -2.44 5.82
CA ASN B 91 22.87 -1.67 5.89
C ASN B 91 22.75 -0.34 5.14
N GLY B 92 21.68 0.39 5.41
CA GLY B 92 21.49 1.71 4.79
C GLY B 92 20.61 1.73 3.56
N TRP B 93 20.16 2.93 3.18
CA TRP B 93 19.31 3.09 2.00
C TRP B 93 20.16 3.28 0.76
N THR B 94 19.85 2.55 -0.31
CA THR B 94 20.57 2.69 -1.58
C THR B 94 19.60 2.85 -2.73
N MLY B 95 20.01 3.50 -3.80
CA MLY B 95 19.14 3.67 -4.96
CB MLY B 95 19.70 4.78 -5.88
CG MLY B 95 18.68 5.08 -7.00
CD MLY B 95 19.20 6.20 -7.93
CE MLY B 95 20.20 5.64 -8.90
NZ MLY B 95 20.20 6.27 -10.28
CH1 MLY B 95 21.48 5.80 -10.84
CH2 MLY B 95 20.29 7.76 -10.26
C MLY B 95 19.03 2.36 -5.71
O MLY B 95 20.07 1.74 -6.02
N GLY B 96 17.80 1.94 -6.00
CA GLY B 96 17.57 0.67 -6.67
C GLY B 96 17.59 0.74 -8.18
N ALA B 97 17.50 -0.43 -8.83
CA ALA B 97 17.55 -0.51 -10.29
C ALA B 97 16.25 -0.16 -10.98
N TYR B 98 15.13 0.01 -10.24
CA TYR B 98 13.84 0.29 -10.87
C TYR B 98 13.89 1.44 -11.89
N THR B 99 13.31 1.18 -13.06
CA THR B 99 13.06 2.20 -14.07
C THR B 99 11.65 1.94 -14.60
N ALA B 100 11.02 2.99 -15.11
CA ALA B 100 9.69 2.85 -15.68
C ALA B 100 9.75 3.04 -17.25
N THR B 101 9.33 4.19 -17.87
CA THR B 101 9.35 4.53 -19.31
C THR B 101 9.57 6.07 -19.51
N ASN B 102 9.56 6.58 -20.77
CA ASN B 102 9.73 7.99 -21.13
C ASN B 102 11.09 8.55 -20.69
N GLY C 13 -12.40 14.74 -9.51
CA GLY C 13 -11.73 14.17 -8.36
C GLY C 13 -12.04 12.70 -8.15
N SER C 14 -11.01 11.83 -8.26
CA SER C 14 -11.23 10.39 -8.08
C SER C 14 -10.93 9.97 -6.64
N VAL C 15 -11.61 8.91 -6.19
CA VAL C 15 -11.36 8.39 -4.86
C VAL C 15 -9.96 7.77 -4.77
N GLN C 16 -9.46 7.56 -3.56
CA GLN C 16 -8.13 7.01 -3.33
C GLN C 16 -8.29 5.79 -2.45
N THR C 17 -7.68 4.65 -2.83
CA THR C 17 -7.85 3.45 -2.04
C THR C 17 -6.55 2.89 -1.44
N ALA C 18 -6.72 2.00 -0.47
CA ALA C 18 -5.63 1.24 0.13
C ALA C 18 -6.19 -0.17 0.40
N ALA C 19 -5.35 -1.21 0.30
CA ALA C 19 -5.84 -2.57 0.48
C ALA C 19 -4.86 -3.41 1.28
N THR C 20 -5.42 -4.36 2.03
CA THR C 20 -4.61 -5.33 2.77
C THR C 20 -5.31 -6.68 2.72
N SER C 21 -4.56 -7.75 2.96
CA SER C 21 -5.14 -9.09 2.93
C SER C 21 -4.37 -10.01 3.87
N TRP C 22 -5.01 -11.13 4.28
CA TRP C 22 -4.33 -12.09 5.14
C TRP C 22 -4.86 -13.49 4.97
N GLY C 23 -4.04 -14.46 5.32
CA GLY C 23 -4.41 -15.88 5.25
C GLY C 23 -4.51 -16.43 3.85
N THR C 24 -5.16 -17.58 3.71
CA THR C 24 -5.33 -18.30 2.44
C THR C 24 -6.74 -18.29 1.88
N VAL C 25 -7.74 -17.81 2.66
CA VAL C 25 -9.13 -17.77 2.16
C VAL C 25 -9.22 -16.92 0.87
N PRO C 26 -8.65 -15.70 0.82
CA PRO C 26 -8.11 -14.89 1.92
C PRO C 26 -9.19 -13.95 2.49
N SER C 27 -8.83 -13.16 3.50
CA SER C 27 -9.64 -12.03 3.89
C SER C 27 -8.96 -10.81 3.23
N ILE C 28 -9.78 -9.89 2.73
CA ILE C 28 -9.31 -8.63 2.11
C ILE C 28 -10.07 -7.47 2.73
N ARG C 29 -9.38 -6.36 2.96
CA ARG C 29 -10.03 -5.11 3.39
C ARG C 29 -9.58 -4.01 2.43
N VAL C 30 -10.54 -3.28 1.86
CA VAL C 30 -10.26 -2.19 0.94
C VAL C 30 -10.82 -0.91 1.56
N TYR C 31 -9.94 0.08 1.75
CA TYR C 31 -10.32 1.38 2.34
C TYR C 31 -10.40 2.41 1.23
N THR C 32 -11.47 3.20 1.22
CA THR C 32 -11.62 4.24 0.19
C THR C 32 -11.79 5.60 0.83
N ALA C 33 -10.94 6.56 0.46
CA ALA C 33 -11.06 7.94 0.89
C ALA C 33 -11.83 8.69 -0.20
N ASN C 34 -13.01 9.23 0.15
CA ASN C 34 -13.89 9.89 -0.80
C ASN C 34 -14.44 11.12 -0.13
N ASN C 35 -14.10 12.29 -0.68
CA ASN C 35 -14.60 13.56 -0.18
C ASN C 35 -14.40 13.74 1.34
N GLY C 36 -13.22 13.34 1.81
CA GLY C 36 -12.88 13.53 3.20
C GLY C 36 -13.36 12.46 4.15
N MLY C 37 -13.96 11.37 3.64
CA MLY C 37 -14.37 10.28 4.51
CB MLY C 37 -15.90 10.09 4.58
CG MLY C 37 -16.69 11.33 5.09
CD MLY C 37 -16.13 11.97 6.39
CE MLY C 37 -17.09 13.02 7.02
NZ MLY C 37 -16.58 14.39 7.27
CH1 MLY C 37 -17.44 14.92 8.35
CH2 MLY C 37 -15.18 14.49 7.77
C MLY C 37 -13.80 8.96 4.03
O MLY C 37 -13.78 8.69 2.83
N ILE C 38 -13.31 8.14 4.97
CA ILE C 38 -12.77 6.83 4.62
C ILE C 38 -13.74 5.76 5.07
N THR C 39 -14.15 4.89 4.13
CA THR C 39 -15.02 3.75 4.39
C THR C 39 -14.29 2.46 4.03
N GLU C 40 -14.87 1.31 4.41
CA GLU C 40 -14.20 0.02 4.27
C GLU C 40 -15.12 -1.02 3.67
N ARG C 41 -14.60 -1.79 2.71
CA ARG C 41 -15.30 -2.95 2.13
C ARG C 41 -14.47 -4.19 2.47
N CYS C 42 -15.17 -5.30 2.76
CA CYS C 42 -14.57 -6.52 3.29
C CYS C 42 -14.91 -7.73 2.49
N TRP C 43 -13.97 -8.66 2.39
CA TRP C 43 -14.18 -9.99 1.80
C TRP C 43 -13.59 -11.01 2.76
N ASP C 44 -14.37 -12.03 3.16
CA ASP C 44 -13.86 -13.13 3.98
C ASP C 44 -14.22 -14.50 3.34
N GLY C 45 -14.44 -14.51 2.03
CA GLY C 45 -14.72 -15.73 1.27
C GLY C 45 -16.14 -15.91 0.78
N MLY C 46 -17.11 -15.09 1.23
CA MLY C 46 -18.50 -15.26 0.80
CB MLY C 46 -19.46 -15.27 2.04
CG MLY C 46 -19.43 -16.53 2.86
CD MLY C 46 -20.30 -16.28 4.12
CE MLY C 46 -21.77 -16.05 3.76
NZ MLY C 46 -22.53 -15.92 5.03
CH1 MLY C 46 -22.40 -14.56 5.64
CH2 MLY C 46 -23.93 -16.28 4.84
C MLY C 46 -18.81 -14.17 -0.24
O MLY C 46 -18.64 -14.38 -1.44
N GLY C 47 -19.13 -12.98 0.23
CA GLY C 47 -19.35 -11.83 -0.64
C GLY C 47 -18.73 -10.59 -0.04
N TRP C 48 -18.72 -9.52 -0.81
CA TRP C 48 -18.25 -8.24 -0.30
C TRP C 48 -19.31 -7.62 0.62
N TYR C 49 -18.85 -7.00 1.70
CA TYR C 49 -19.75 -6.35 2.64
C TYR C 49 -19.12 -5.09 3.22
N THR C 50 -19.93 -4.19 3.76
CA THR C 50 -19.42 -2.96 4.35
C THR C 50 -18.92 -3.20 5.75
N GLY C 51 -17.70 -2.75 5.99
CA GLY C 51 -17.08 -2.92 7.30
C GLY C 51 -17.42 -1.81 8.27
N ALA C 52 -16.99 -2.00 9.53
CA ALA C 52 -17.24 -1.04 10.61
C ALA C 52 -16.41 0.22 10.52
N PHE C 53 -15.26 0.18 9.82
CA PHE C 53 -14.38 1.35 9.77
C PHE C 53 -15.00 2.56 9.06
N ASN C 54 -15.07 3.70 9.74
CA ASN C 54 -15.57 4.92 9.14
C ASN C 54 -14.88 6.08 9.86
N GLU C 55 -13.89 6.74 9.22
CA GLU C 55 -13.19 7.85 9.86
C GLU C 55 -12.91 8.96 8.86
N PRO C 56 -12.70 10.20 9.33
CA PRO C 56 -12.35 11.27 8.38
C PRO C 56 -10.96 11.04 7.81
N GLY C 57 -10.79 11.49 6.58
CA GLY C 57 -9.50 11.42 5.90
C GLY C 57 -9.60 11.69 4.42
N ASP C 58 -8.61 12.42 3.89
CA ASP C 58 -8.45 12.66 2.46
C ASP C 58 -7.50 11.64 1.83
N ASN C 59 -6.64 11.01 2.64
CA ASN C 59 -5.66 10.03 2.19
C ASN C 59 -5.65 8.87 3.17
N VAL C 60 -5.45 7.66 2.65
CA VAL C 60 -5.40 6.48 3.47
C VAL C 60 -4.29 5.50 3.05
N SER C 61 -3.62 4.93 4.04
CA SER C 61 -2.72 3.80 3.85
C SER C 61 -3.02 2.76 4.92
N VAL C 62 -2.61 1.52 4.69
CA VAL C 62 -2.89 0.44 5.65
C VAL C 62 -1.79 -0.59 5.64
N THR C 63 -1.65 -1.26 6.78
CA THR C 63 -0.80 -2.42 6.92
C THR C 63 -1.46 -3.38 7.93
N SER C 64 -1.13 -4.66 7.85
CA SER C 64 -1.70 -5.62 8.79
C SER C 64 -0.75 -6.77 9.02
N TRP C 65 -0.93 -7.47 10.13
CA TRP C 65 -0.11 -8.64 10.44
C TRP C 65 -0.92 -9.63 11.25
N LEU C 66 -0.53 -10.89 11.21
CA LEU C 66 -1.18 -11.93 12.00
C LEU C 66 -0.33 -12.29 13.22
N VAL C 67 -1.02 -12.60 14.32
CA VAL C 67 -0.40 -13.20 15.51
C VAL C 67 -1.19 -14.48 15.66
N GLY C 68 -0.62 -15.59 15.18
CA GLY C 68 -1.35 -16.84 15.10
C GLY C 68 -2.39 -16.69 13.99
N SER C 69 -3.66 -16.87 14.33
CA SER C 69 -4.77 -16.70 13.40
C SER C 69 -5.47 -15.32 13.56
N ALA C 70 -5.03 -14.50 14.54
CA ALA C 70 -5.61 -13.21 14.85
C ALA C 70 -5.04 -12.05 14.02
N ILE C 71 -5.90 -11.32 13.31
CA ILE C 71 -5.45 -10.17 12.51
C ILE C 71 -5.33 -8.88 13.34
N HIS C 72 -4.32 -8.09 13.01
CA HIS C 72 -4.11 -6.77 13.58
C HIS C 72 -3.95 -5.82 12.40
N ILE C 73 -4.72 -4.75 12.37
CA ILE C 73 -4.69 -3.80 11.25
C ILE C 73 -4.37 -2.40 11.75
N ARG C 74 -3.58 -1.64 10.96
CA ARG C 74 -3.31 -0.24 11.27
C ARG C 74 -3.64 0.57 10.02
N VAL C 75 -4.57 1.51 10.16
CA VAL C 75 -4.99 2.40 9.07
C VAL C 75 -4.48 3.80 9.39
N TYR C 76 -3.80 4.44 8.44
CA TYR C 76 -3.25 5.78 8.61
C TYR C 76 -4.08 6.73 7.77
N ALA C 77 -4.88 7.57 8.47
CA ALA C 77 -5.82 8.50 7.83
C ALA C 77 -5.26 9.90 7.92
N SER C 78 -5.13 10.61 6.79
CA SER C 78 -4.57 11.95 6.82
C SER C 78 -5.51 13.01 6.31
N THR C 79 -5.58 14.14 7.00
CA THR C 79 -6.32 15.33 6.57
C THR C 79 -5.39 16.49 6.83
N GLY C 80 -5.08 17.28 5.79
CA GLY C 80 -4.11 18.36 5.91
C GLY C 80 -2.75 17.75 6.24
N THR C 81 -2.12 18.26 7.29
CA THR C 81 -0.84 17.71 7.73
C THR C 81 -0.96 16.67 8.85
N THR C 82 -2.20 16.36 9.33
CA THR C 82 -2.37 15.45 10.45
C THR C 82 -2.73 14.06 10.03
N THR C 83 -1.88 13.09 10.41
CA THR C 83 -2.14 11.68 10.18
C THR C 83 -2.53 11.03 11.52
N THR C 84 -3.71 10.38 11.55
CA THR C 84 -4.19 9.65 12.71
C THR C 84 -4.15 8.16 12.42
N GLU C 85 -3.64 7.38 13.36
CA GLU C 85 -3.57 5.93 13.22
C GLU C 85 -4.77 5.31 13.92
N TRP C 86 -5.42 4.36 13.23
CA TRP C 86 -6.55 3.61 13.77
C TRP C 86 -6.14 2.16 13.85
N CYS C 87 -6.44 1.51 15.00
CA CYS C 87 -5.98 0.16 15.31
C CYS C 87 -7.12 -0.81 15.39
N TRP C 88 -6.99 -1.97 14.74
CA TRP C 88 -7.91 -3.09 14.94
C TRP C 88 -7.08 -4.18 15.55
N ASP C 89 -7.46 -4.65 16.74
CA ASP C 89 -6.73 -5.74 17.39
C ASP C 89 -7.68 -6.87 17.83
N GLY C 90 -8.80 -7.03 17.10
CA GLY C 90 -9.74 -8.13 17.28
C GLY C 90 -11.06 -7.79 17.91
N ASN C 91 -11.16 -6.61 18.49
CA ASN C 91 -12.40 -6.25 19.18
C ASN C 91 -13.07 -5.03 18.63
N GLY C 92 -12.29 -4.08 18.17
CA GLY C 92 -12.81 -2.81 17.68
C GLY C 92 -11.72 -1.87 17.24
N TRP C 93 -12.12 -0.72 16.67
CA TRP C 93 -11.16 0.28 16.21
C TRP C 93 -10.84 1.28 17.30
N THR C 94 -9.55 1.48 17.59
CA THR C 94 -9.11 2.43 18.61
C THR C 94 -8.04 3.36 18.07
N MLY C 95 -7.95 4.57 18.59
CA MLY C 95 -6.93 5.52 18.13
CB MLY C 95 -7.27 6.93 18.63
CG MLY C 95 -6.37 7.94 17.97
CD MLY C 95 -6.66 9.37 18.46
CE MLY C 95 -7.89 9.96 17.77
NZ MLY C 95 -8.43 11.19 18.47
CH1 MLY C 95 -7.44 12.32 18.53
CH2 MLY C 95 -9.49 11.63 17.55
C MLY C 95 -5.54 5.08 18.64
O MLY C 95 -5.36 4.79 19.82
N GLY C 96 -4.58 5.02 17.72
CA GLY C 96 -3.23 4.61 18.07
C GLY C 96 -2.30 5.72 18.50
N ALA C 97 -1.10 5.33 18.95
CA ALA C 97 -0.09 6.26 19.47
C ALA C 97 0.69 7.01 18.39
N TYR C 98 0.53 6.65 17.10
CA TYR C 98 1.27 7.34 16.04
C TYR C 98 1.15 8.87 16.09
N THR C 99 2.29 9.55 15.99
CA THR C 99 2.37 11.00 15.81
C THR C 99 3.44 11.28 14.77
N ALA C 100 3.33 12.46 14.15
CA ALA C 100 4.33 12.97 13.21
C ALA C 100 4.29 14.51 13.24
N THR C 101 5.35 15.16 12.75
CA THR C 101 5.40 16.61 12.72
C THR C 101 5.46 17.06 11.26
N ASN C 102 4.29 17.09 10.62
CA ASN C 102 4.17 17.46 9.23
C ASN C 102 3.88 18.95 9.03
C1 MFU D . -12.34 -13.49 -6.44
C2 MFU D . -12.86 -12.06 -6.66
C3 MFU D . -13.28 -11.48 -5.31
C4 MFU D . -12.12 -11.54 -4.32
C5 MFU D . -11.68 -13.00 -4.18
C6 MFU D . -10.50 -13.21 -3.25
O1 MFU D . -13.40 -14.28 -6.02
O2 MFU D . -13.95 -12.08 -7.58
O3 MFU D . -13.77 -10.16 -5.51
O4 MFU D . -11.01 -10.76 -4.78
O5 MFU D . -11.29 -13.49 -5.49
CM MFU D . -13.09 -15.66 -5.99
C1 MFU E . 3.89 -11.37 -14.78
C2 MFU E . 3.11 -10.12 -15.18
C3 MFU E . 1.65 -10.25 -14.75
C4 MFU E . 1.55 -10.58 -13.26
C5 MFU E . 2.33 -11.87 -13.00
C6 MFU E . 2.34 -12.30 -11.54
O1 MFU E . 3.42 -12.43 -15.58
O2 MFU E . 3.21 -9.90 -16.58
O3 MFU E . 0.92 -9.06 -15.09
O4 MFU E . 2.11 -9.53 -12.46
O5 MFU E . 3.70 -11.66 -13.40
CM MFU E . 4.14 -13.65 -15.37
N01 QQ7 F . 11.68 -10.69 -18.80
C01 QQ7 F . 11.08 -10.27 -20.06
C02 QQ7 F . 9.74 -11.07 -20.09
N02 QQ7 F . 11.77 -10.73 -21.25
N03 QQ7 F . 9.76 -11.80 -18.84
N04 QQ7 F . 9.88 -11.89 -21.28
C03 QQ7 F . 8.63 -12.52 -18.30
C04 QQ7 F . 12.86 -10.08 -18.22
C05 QQ7 F . 10.90 -11.58 -18.11
C06 QQ7 F . 8.81 -12.68 -21.87
C07 QQ7 F . 12.95 -10.11 -21.81
C08 QQ7 F . 11.06 -11.67 -21.94
O01 QQ7 F . 11.17 -12.06 -17.03
O02 QQ7 F . 11.36 -12.16 -23.02
N05 QQ7 F . 8.46 -13.86 -18.82
N06 QQ7 F . 8.61 -13.97 -21.26
C09 QQ7 F . 7.80 -14.18 -20.08
C10 QQ7 F . 8.70 -14.98 -18.06
C11 QQ7 F . 8.98 -15.16 -21.86
O03 QQ7 F . 9.69 -15.26 -22.84
N07 QQ7 F . 8.37 -16.17 -21.18
O04 QQ7 F . 9.18 -14.99 -16.94
N08 QQ7 F . 8.23 -16.07 -18.74
C12 QQ7 F . 7.65 -15.73 -20.02
C13 QQ7 F . 8.25 -17.51 -21.74
C14 QQ7 F . 8.13 -17.38 -18.12
N09 QQ7 F . 9.04 -18.37 -18.65
N10 QQ7 F . 9.09 -18.50 -21.09
N11 QQ7 F . 14.11 -10.56 -18.77
N12 QQ7 F . 14.20 -10.55 -21.21
C15 QQ7 F . 8.77 -19.15 -19.83
C16 QQ7 F . 10.15 -19.10 -21.74
C17 QQ7 F . 10.12 -18.82 -17.94
O05 QQ7 F . 10.56 -18.79 -22.83
N13 QQ7 F . 10.56 -20.17 -20.98
O06 QQ7 F . 10.57 -18.34 -16.91
N14 QQ7 F . 10.56 -19.98 -18.54
C18 QQ7 F . 9.82 -20.29 -19.74
C19 QQ7 F . 14.74 -10.03 -19.97
C20 QQ7 F . 14.95 -11.41 -18.09
C21 QQ7 F . 15.11 -11.33 -21.89
O07 QQ7 F . 14.93 -11.85 -22.97
N15 QQ7 F . 16.27 -11.36 -21.16
O08 QQ7 F . 14.67 -12.01 -17.05
N16 QQ7 F . 16.17 -11.41 -18.72
C22 QQ7 F . 16.17 -10.61 -19.93
N17 QQ7 F . 17.91 -13.15 -21.11
N18 QQ7 F . 17.87 -13.16 -18.66
C23 QQ7 F . 17.84 -14.35 -21.77
C24 QQ7 F . 18.66 -13.24 -19.88
C25 QQ7 F . 17.85 -14.33 -17.97
O09 QQ7 F . 17.30 -14.53 -16.91
N19 QQ7 F . 18.65 -15.24 -18.63
O10 QQ7 F . 17.28 -14.55 -22.84
N20 QQ7 F . 18.59 -15.27 -21.08
C26 QQ7 F . 19.05 -16.49 -18.04
C27 QQ7 F . 19.18 -14.71 -19.87
C28 QQ7 F . 18.96 -16.56 -21.63
N21 QQ7 F . 18.37 -17.65 -18.58
N22 QQ7 F . 18.29 -17.69 -21.03
C29 QQ7 F . 17.42 -18.33 -17.87
C30 QQ7 F . 18.73 -18.33 -19.80
C31 QQ7 F . 17.33 -18.41 -21.67
O11 QQ7 F . 16.84 -18.13 -22.75
N23 QQ7 F . 17.10 -19.56 -20.96
O12 QQ7 F . 16.97 -18.00 -16.78
N24 QQ7 F . 17.14 -19.50 -18.52
C32 QQ7 F . 16.35 -20.69 -21.50
C33 QQ7 F . 16.36 -20.56 -17.91
C34 QQ7 F . 17.89 -19.64 -19.75
N25 QQ7 F . 15.04 -20.73 -18.47
N26 QQ7 F . 15.03 -20.85 -20.92
C35 QQ7 F . 13.90 -20.35 -17.81
C36 QQ7 F . 14.76 -21.52 -19.66
C37 QQ7 F . 13.89 -20.64 -21.64
O13 QQ7 F . 13.85 -20.23 -22.79
N27 QQ7 F . 12.82 -21.07 -20.91
O QQ7 F . 13.85 -19.72 -16.77
N QQ7 F . 12.82 -20.88 -18.47
C38 QQ7 F . 13.21 -21.65 -19.64
C39 QQ7 F . 17.49 -11.90 -21.71
C40 QQ7 F . 17.37 -11.92 -18.09
C41 QQ7 F . 11.49 -20.88 -17.89
C QQ7 F . 11.48 -21.16 -21.48
C1 MFU G . 15.62 1.99 11.02
C2 MFU G . 15.30 3.21 10.18
C3 MFU G . 15.64 2.90 8.72
C4 MFU G . 14.89 1.65 8.26
C5 MFU G . 15.28 0.49 9.17
C6 MFU G . 14.59 -0.81 8.85
O1 MFU G . 17.01 1.79 11.01
O2 MFU G . 16.05 4.34 10.66
O3 MFU G . 15.35 4.03 7.88
O4 MFU G . 13.48 1.88 8.34
O5 MFU G . 14.93 0.84 10.52
CM MFU G . 17.45 0.76 11.89
C1 MFU H . 17.70 -4.73 -5.88
C2 MFU H . 17.11 -3.53 -6.65
C3 MFU H . 16.00 -4.04 -7.57
C4 MFU H . 14.95 -4.78 -6.74
C5 MFU H . 15.61 -5.92 -5.96
C6 MFU H . 14.69 -6.67 -5.05
O1 MFU H . 18.29 -5.59 -6.82
O2 MFU H . 18.13 -2.90 -7.43
O3 MFU H . 15.44 -2.94 -8.29
O4 MFU H . 14.34 -3.88 -5.81
O5 MFU H . 16.67 -5.37 -5.15
CM MFU H . 18.90 -6.75 -6.24
C1 MFU I . -0.35 0.13 19.36
C2 MFU I . -0.40 1.53 18.76
C3 MFU I . 0.98 1.86 18.19
C4 MFU I . 1.39 0.80 17.16
C5 MFU I . 1.41 -0.55 17.85
C6 MFU I . 1.75 -1.70 16.92
O1 MFU I . 0.52 0.14 20.46
O2 MFU I . -0.78 2.48 19.77
O3 MFU I . 0.97 3.18 17.64
O4 MFU I . 0.46 0.77 16.08
O5 MFU I . 0.09 -0.81 18.38
CM MFU I . 0.53 -1.09 21.19
C1 MFU J . -14.79 -6.69 10.31
C2 MFU J . -14.90 -5.21 9.95
C3 MFU J . -13.88 -4.43 10.77
C4 MFU J . -12.47 -4.99 10.58
C5 MFU J . -12.48 -6.46 10.96
C6 MFU J . -11.15 -7.16 10.77
O1 MFU J . -15.21 -6.84 11.63
O2 MFU J . -16.21 -4.74 10.22
O3 MFU J . -13.96 -3.04 10.43
O4 MFU J . -12.07 -4.87 9.21
O5 MFU J . -13.45 -7.15 10.14
CM MFU J . -15.29 -8.21 12.06
N01 QQ7 K . -24.43 -11.08 5.57
C01 QQ7 K . -24.15 -10.80 4.18
C02 QQ7 K . -25.25 -11.59 3.43
N02 QQ7 K . -22.92 -11.37 3.67
N03 QQ7 K . -25.98 -12.25 4.51
N04 QQ7 K . -24.50 -12.47 2.56
C03 QQ7 K . -27.25 -12.92 4.34
C04 QQ7 K . -23.82 -10.37 6.67
C05 QQ7 K . -25.47 -11.95 5.74
C06 QQ7 K . -25.08 -13.23 1.48
C07 QQ7 K . -21.62 -10.78 3.86
C08 QQ7 K . -23.15 -12.34 2.73
O01 QQ7 K . -25.92 -12.31 6.80
O02 QQ7 K . -22.29 -12.92 2.09
N05 QQ7 K . -27.15 -14.28 3.84
N06 QQ7 K . -25.70 -14.48 1.88
C09 QQ7 K . -27.03 -14.61 2.43
C10 QQ7 K . -27.41 -15.38 4.62
C11 QQ7 K . -25.14 -15.69 1.57
O03 QQ7 K . -24.02 -15.85 1.09
N07 QQ7 K . -26.06 -16.66 1.83
O04 QQ7 K . -27.62 -15.36 5.82
N08 QQ7 K . -27.49 -16.48 3.80
C12 QQ7 K . -27.28 -16.15 2.41
C13 QQ7 K . -25.89 -18.02 1.35
C14 QQ7 K . -27.99 -17.76 4.26
N09 QQ7 K . -26.98 -18.80 4.36
N10 QQ7 K . -25.55 -18.98 2.37
N11 QQ7 K . -22.50 -10.85 7.03
N12 QQ7 K . -20.99 -11.11 5.12
C15 QQ7 K . -26.52 -19.62 3.24
C16 QQ7 K . -24.30 -19.54 2.47
C17 QQ7 K . -26.53 -19.28 5.57
O05 QQ7 K . -23.33 -19.22 1.82
N13 QQ7 K . -24.38 -20.58 3.36
O06 QQ7 K . -26.82 -18.81 6.66
N14 QQ7 K . -25.80 -20.41 5.34
C18 QQ7 K . -25.70 -20.73 3.92
C19 QQ7 K . -21.28 -10.43 6.38
C20 QQ7 K . -22.27 -11.60 8.16
C21 QQ7 K . -19.88 -11.91 5.20
O07 QQ7 K . -19.40 -12.52 4.26
N15 QQ7 K . -19.37 -11.82 6.46
O08 QQ7 K . -23.11 -12.03 8.91
N16 QQ7 K . -20.91 -11.65 8.36
C22 QQ7 K . -20.17 -10.96 7.32
N17 QQ7 K . -18.11 -13.55 7.62
N18 QQ7 K . -19.67 -13.43 9.49
C23 QQ7 K . -17.74 -14.76 7.10
C24 QQ7 K . -18.30 -13.58 9.05
C25 QQ7 K . -20.18 -14.58 10.05
O09 QQ7 K . -21.28 -14.70 10.55
N19 QQ7 K . -19.20 -15.52 10.04
O10 QQ7 K . -17.44 -14.97 5.94
N20 QQ7 K . -17.65 -15.65 8.14
C26 QQ7 K . -19.29 -16.77 10.77
C27 QQ7 K . -17.97 -15.05 9.41
C28 QQ7 K . -17.06 -16.96 7.98
N21 QQ7 K . -19.52 -17.93 9.94
N22 QQ7 K . -18.00 -18.05 8.02
C29 QQ7 K . -20.71 -18.60 9.93
C30 QQ7 K . -18.48 -18.66 9.25
C31 QQ7 K . -18.41 -18.74 6.91
O11 QQ7 K . -18.10 -18.46 5.76
N23 QQ7 K . -19.07 -19.86 7.31
O12 QQ7 K . -21.73 -18.25 10.50
N24 QQ7 K . -20.54 -19.80 9.28
C32 QQ7 K . -19.37 -20.95 6.40
C33 QQ7 K . -21.52 -20.85 9.30
C34 QQ7 K . -19.19 -19.94 8.75
N25 QQ7 K . -22.22 -21.03 8.04
N26 QQ7 K . -20.77 -21.10 6.07
C35 QQ7 K . -23.55 -20.74 7.90
C36 QQ7 K . -21.71 -21.80 6.93
C37 QQ7 K . -21.28 -20.84 4.83
O13 QQ7 K . -20.68 -20.32 3.90
N27 QQ7 K . -22.55 -21.37 4.76
O QQ7 K . -24.25 -20.25 8.76
N QQ7 K . -24.00 -21.27 6.73
C38 QQ7 K . -22.95 -21.97 6.01
C39 QQ7 K . -18.07 -12.34 6.83
C40 QQ7 K . -20.34 -12.15 9.60
C41 QQ7 K . -25.40 -21.31 6.40
C QQ7 K . -23.28 -21.52 3.52
#